data_9CMR
#
_entry.id   9CMR
#
_cell.length_a   298.998
_cell.length_b   298.998
_cell.length_c   298.998
_cell.angle_alpha   90.000
_cell.angle_beta   90.000
_cell.angle_gamma   90.000
#
_symmetry.space_group_name_H-M   'F 41 3 2'
#
loop_
_entity.id
_entity.type
_entity.pdbx_description
1 polymer 'E3 ubiquitin-protein ligase TOM1'
2 non-polymer 'SULFATE ION'
3 water water
#
_entity_poly.entity_id   1
_entity_poly.type   'polypeptide(L)'
_entity_poly.pdbx_seq_one_letter_code
;NLFFPFTDAHKKLLNQMIRSNPKLMSGPFALLVKNQKVLDFDNKRYFFNAKLKSDNQERPKLPITVRREQVFLDSYRALF
FKTNDEIKNSKLEITFKGESGVDAGGVTREWYQVLSRQMFNPDYALFLPVPSDKTTFHPNRTSALNPEHLSFFKFIGMII
GKAIRDQCFLDCHFSREVYKNILGRPVSLKDMESLDPDYYKSLVWILENDITDIIEETFSVETDDYGEHKVINLIEGGKD
IIVTEANKQDYVKKVVEYKLQTSVKEQMDNFLVGFYALISKDLITIFDEQELELLISGLPDIDVDDWKNNTTYVNYTATC
KEVSYFWRAVRSFDAEERAKLLQFVTGTSKVPLNGFKELSGVNGVCKFSIHRDFGSSERLPSSHTCFNQLNLPPYESYET
LRGSLLLAINEG
;
_entity_poly.pdbx_strand_id   A
#
loop_
_chem_comp.id
_chem_comp.type
_chem_comp.name
_chem_comp.formula
SO4 non-polymer 'SULFATE ION' 'O4 S -2'
#
# COMPACT_ATOMS: atom_id res chain seq x y z
N ASN A 1 12.32 -16.74 20.62
CA ASN A 1 13.36 -15.77 20.93
C ASN A 1 14.67 -16.18 20.27
N LEU A 2 15.03 -17.45 20.39
CA LEU A 2 16.16 -17.98 19.65
C LEU A 2 15.73 -18.28 18.22
N PHE A 3 16.72 -18.58 17.37
CA PHE A 3 16.55 -18.72 15.93
C PHE A 3 16.22 -17.39 15.27
N PHE A 4 15.84 -16.39 16.07
CA PHE A 4 15.70 -15.03 15.56
C PHE A 4 16.99 -14.49 14.97
N PRO A 5 18.15 -14.58 15.62
CA PRO A 5 19.38 -14.05 14.99
C PRO A 5 19.81 -14.82 13.76
N PHE A 6 19.38 -16.08 13.61
CA PHE A 6 19.81 -16.90 12.50
C PHE A 6 18.99 -16.62 11.25
N THR A 7 17.66 -16.71 11.36
CA THR A 7 16.80 -16.64 10.18
C THR A 7 16.98 -15.33 9.41
N ASP A 8 17.39 -14.26 10.10
CA ASP A 8 17.68 -13.02 9.40
C ASP A 8 19.02 -13.09 8.68
N ALA A 9 20.05 -13.61 9.34
CA ALA A 9 21.35 -13.75 8.70
C ALA A 9 21.29 -14.77 7.57
N HIS A 10 20.49 -15.83 7.72
CA HIS A 10 20.30 -16.80 6.64
C HIS A 10 19.72 -16.12 5.41
N LYS A 11 18.71 -15.26 5.62
CA LYS A 11 18.06 -14.59 4.49
C LYS A 11 19.02 -13.66 3.76
N LYS A 12 19.89 -12.98 4.50
CA LYS A 12 20.83 -12.06 3.85
C LYS A 12 21.88 -12.81 3.03
N LEU A 13 22.29 -13.99 3.49
CA LEU A 13 23.30 -14.75 2.75
C LEU A 13 22.72 -15.35 1.48
N LEU A 14 21.50 -15.88 1.54
CA LEU A 14 20.84 -16.43 0.35
C LEU A 14 20.71 -15.36 -0.73
N ASN A 15 20.23 -14.17 -0.35
CA ASN A 15 20.05 -13.10 -1.33
C ASN A 15 21.38 -12.62 -1.88
N GLN A 16 22.42 -12.58 -1.03
CA GLN A 16 23.73 -12.16 -1.51
C GLN A 16 24.27 -13.12 -2.56
N MET A 17 24.11 -14.43 -2.34
CA MET A 17 24.56 -15.40 -3.33
C MET A 17 23.78 -15.29 -4.64
N ILE A 18 22.50 -14.92 -4.55
CA ILE A 18 21.69 -14.75 -5.76
C ILE A 18 22.12 -13.51 -6.53
N ARG A 19 22.51 -12.45 -5.81
CA ARG A 19 23.04 -11.27 -6.48
C ARG A 19 24.31 -11.58 -7.25
N SER A 20 25.19 -12.39 -6.65
CA SER A 20 26.46 -12.72 -7.30
C SER A 20 26.25 -13.51 -8.58
N ASN A 21 25.44 -14.57 -8.51
CA ASN A 21 25.16 -15.41 -9.65
C ASN A 21 23.64 -15.56 -9.78
N PRO A 22 22.98 -14.60 -10.44
CA PRO A 22 21.52 -14.73 -10.63
C PRO A 22 21.13 -15.92 -11.46
N LYS A 23 22.05 -16.50 -12.24
CA LYS A 23 21.75 -17.72 -12.97
C LYS A 23 21.45 -18.88 -12.04
N LEU A 24 21.85 -18.78 -10.77
CA LEU A 24 21.55 -19.84 -9.81
C LEU A 24 20.06 -20.07 -9.67
N MET A 25 19.25 -19.05 -9.94
CA MET A 25 17.79 -19.24 -9.90
C MET A 25 17.31 -19.96 -11.15
N SER A 26 17.39 -19.28 -12.30
CA SER A 26 16.95 -19.85 -13.58
C SER A 26 15.56 -20.45 -13.46
N GLY A 27 15.34 -21.58 -14.13
CA GLY A 27 14.11 -22.32 -14.03
C GLY A 27 12.87 -21.50 -14.33
N PRO A 28 11.72 -21.97 -13.86
CA PRO A 28 10.48 -21.21 -14.05
C PRO A 28 10.45 -19.95 -13.21
N PHE A 29 9.87 -18.89 -13.77
CA PHE A 29 9.71 -17.65 -13.02
C PHE A 29 8.69 -17.80 -11.90
N ALA A 30 7.75 -18.73 -12.06
CA ALA A 30 6.71 -18.90 -11.04
C ALA A 30 7.28 -19.40 -9.72
N LEU A 31 8.43 -20.08 -9.76
CA LEU A 31 9.05 -20.53 -8.53
CA LEU A 31 9.06 -20.53 -8.53
C LEU A 31 9.52 -19.36 -7.67
N LEU A 32 9.93 -18.25 -8.30
CA LEU A 32 10.28 -17.06 -7.53
C LEU A 32 9.07 -16.49 -6.81
N VAL A 33 7.90 -16.55 -7.46
CA VAL A 33 6.67 -16.08 -6.82
C VAL A 33 6.34 -16.94 -5.61
N LYS A 34 6.51 -18.26 -5.74
CA LYS A 34 6.15 -19.18 -4.66
C LYS A 34 7.03 -18.99 -3.44
N ASN A 35 8.27 -18.56 -3.62
CA ASN A 35 9.19 -18.40 -2.50
C ASN A 35 9.60 -16.94 -2.34
N GLN A 36 8.63 -16.04 -2.36
CA GLN A 36 8.91 -14.61 -2.26
C GLN A 36 9.24 -14.18 -0.84
N LYS A 37 8.66 -14.84 0.18
CA LYS A 37 8.84 -14.44 1.57
C LYS A 37 10.29 -14.50 2.03
N VAL A 38 11.23 -14.91 1.18
CA VAL A 38 12.65 -14.92 1.51
C VAL A 38 13.48 -14.11 0.54
N LEU A 39 12.96 -13.81 -0.66
CA LEU A 39 13.73 -13.08 -1.66
C LEU A 39 13.84 -11.60 -1.32
N ASP A 40 15.00 -11.03 -1.62
CA ASP A 40 15.24 -9.61 -1.42
C ASP A 40 14.42 -8.79 -2.41
N PHE A 41 13.98 -7.60 -1.97
CA PHE A 41 13.21 -6.72 -2.84
C PHE A 41 14.01 -6.33 -4.08
N ASP A 42 15.30 -6.07 -3.91
CA ASP A 42 16.13 -5.73 -5.07
C ASP A 42 16.35 -6.94 -5.96
N ASN A 43 16.45 -8.14 -5.38
CA ASN A 43 16.48 -9.35 -6.21
C ASN A 43 15.14 -9.57 -6.90
N LYS A 44 14.04 -9.41 -6.17
CA LYS A 44 12.72 -9.42 -6.79
C LYS A 44 12.65 -8.41 -7.92
N ARG A 45 13.03 -7.16 -7.64
CA ARG A 45 13.05 -6.12 -8.67
C ARG A 45 13.93 -6.51 -9.84
N TYR A 46 15.00 -7.28 -9.59
CA TYR A 46 15.90 -7.69 -10.67
C TYR A 46 15.23 -8.70 -11.59
N PHE A 47 14.84 -9.85 -11.04
CA PHE A 47 14.21 -10.88 -11.87
C PHE A 47 12.89 -10.40 -12.46
N PHE A 48 12.23 -9.44 -11.82
CA PHE A 48 11.01 -8.87 -12.37
C PHE A 48 11.29 -8.12 -13.66
N ASN A 49 12.21 -7.15 -13.61
CA ASN A 49 12.64 -6.44 -14.81
C ASN A 49 13.25 -7.38 -15.84
N ALA A 50 13.79 -8.52 -15.41
CA ALA A 50 14.38 -9.46 -16.35
C ALA A 50 13.31 -10.01 -17.30
N LYS A 51 12.29 -10.67 -16.74
CA LYS A 51 11.24 -11.25 -17.57
C LYS A 51 10.40 -10.17 -18.27
N LEU A 52 10.53 -8.92 -17.86
CA LEU A 52 9.79 -7.82 -18.46
C LEU A 52 10.37 -7.38 -19.81
N LYS A 53 11.40 -8.06 -20.30
CA LYS A 53 11.94 -7.78 -21.63
C LYS A 53 11.74 -8.99 -22.54
N SER A 54 10.49 -9.40 -22.74
CA SER A 54 10.17 -10.57 -23.55
C SER A 54 9.00 -10.30 -24.48
N PRO A 60 8.93 0.57 -31.24
CA PRO A 60 8.42 1.75 -31.96
C PRO A 60 8.50 3.02 -31.12
N LYS A 61 7.93 4.11 -31.63
CA LYS A 61 7.81 5.36 -30.89
C LYS A 61 6.39 5.88 -31.00
N LEU A 62 5.86 6.38 -29.88
CA LEU A 62 4.50 6.88 -29.81
C LEU A 62 4.52 8.37 -29.48
N PRO A 63 4.31 9.24 -30.48
CA PRO A 63 4.35 10.68 -30.21
C PRO A 63 3.05 11.14 -29.56
N ILE A 64 3.18 11.87 -28.46
CA ILE A 64 2.05 12.44 -27.73
C ILE A 64 2.38 13.88 -27.40
N THR A 65 1.44 14.79 -27.67
CA THR A 65 1.58 16.19 -27.33
C THR A 65 0.46 16.58 -26.38
N VAL A 66 0.82 17.14 -25.23
CA VAL A 66 -0.13 17.48 -24.18
C VAL A 66 0.14 18.89 -23.69
N ARG A 67 -0.91 19.54 -23.19
CA ARG A 67 -0.78 20.83 -22.53
C ARG A 67 -0.52 20.59 -21.05
N ARG A 68 0.49 21.30 -20.51
CA ARG A 68 0.88 21.08 -19.12
C ARG A 68 -0.24 21.42 -18.15
N GLU A 69 -1.14 22.32 -18.55
CA GLU A 69 -2.26 22.67 -17.69
C GLU A 69 -3.22 21.51 -17.51
N GLN A 70 -3.35 20.64 -18.51
CA GLN A 70 -4.35 19.58 -18.53
C GLN A 70 -3.73 18.29 -19.05
N VAL A 71 -2.63 17.87 -18.43
CA VAL A 71 -1.92 16.68 -18.90
C VAL A 71 -2.73 15.42 -18.69
N PHE A 72 -3.67 15.41 -17.75
CA PHE A 72 -4.43 14.20 -17.48
C PHE A 72 -5.45 13.93 -18.60
N LEU A 73 -6.26 14.94 -18.92
CA LEU A 73 -7.26 14.75 -19.97
C LEU A 73 -6.61 14.63 -21.35
N ASP A 74 -5.54 15.38 -21.58
CA ASP A 74 -4.86 15.29 -22.87
C ASP A 74 -4.25 13.91 -23.09
N SER A 75 -3.56 13.39 -22.06
CA SER A 75 -3.01 12.04 -22.17
C SER A 75 -4.13 11.00 -22.26
N TYR A 76 -5.25 11.26 -21.58
CA TYR A 76 -6.39 10.35 -21.66
C TYR A 76 -6.95 10.29 -23.08
N ARG A 77 -7.16 11.47 -23.68
CA ARG A 77 -7.73 11.54 -25.02
C ARG A 77 -6.71 11.15 -26.09
N ALA A 78 -5.42 11.32 -25.84
CA ALA A 78 -4.42 10.96 -26.83
C ALA A 78 -4.25 9.45 -26.92
N LEU A 79 -4.40 8.74 -25.80
CA LEU A 79 -4.24 7.29 -25.76
C LEU A 79 -5.57 6.56 -25.66
N PHE A 80 -6.69 7.26 -25.88
CA PHE A 80 -8.00 6.62 -25.73
C PHE A 80 -8.24 5.57 -26.79
N PHE A 81 -7.69 5.74 -28.00
CA PHE A 81 -7.92 4.81 -29.08
C PHE A 81 -6.71 3.92 -29.39
N LYS A 82 -5.58 4.13 -28.73
CA LYS A 82 -4.44 3.24 -28.91
C LYS A 82 -4.72 1.92 -28.18
N THR A 83 -4.48 0.80 -28.87
CA THR A 83 -4.71 -0.50 -28.27
C THR A 83 -3.67 -0.79 -27.20
N ASN A 84 -3.89 -1.90 -26.47
CA ASN A 84 -2.97 -2.26 -25.40
C ASN A 84 -1.59 -2.62 -25.94
N ASP A 85 -1.53 -3.30 -27.08
CA ASP A 85 -0.24 -3.64 -27.67
C ASP A 85 0.50 -2.40 -28.13
N GLU A 86 -0.23 -1.41 -28.68
CA GLU A 86 0.40 -0.16 -29.09
C GLU A 86 0.94 0.62 -27.91
N ILE A 87 0.42 0.40 -26.71
CA ILE A 87 0.86 1.12 -25.52
C ILE A 87 1.93 0.34 -24.76
N LYS A 88 1.75 -0.98 -24.65
CA LYS A 88 2.75 -1.80 -23.96
C LYS A 88 4.08 -1.80 -24.70
N ASN A 89 4.03 -1.81 -26.03
CA ASN A 89 5.23 -1.93 -26.87
C ASN A 89 5.38 -0.65 -27.70
N SER A 90 5.83 0.42 -27.05
CA SER A 90 6.10 1.68 -27.73
C SER A 90 6.86 2.59 -26.78
N LYS A 91 7.70 3.46 -27.36
CA LYS A 91 8.46 4.45 -26.61
C LYS A 91 7.71 5.77 -26.64
N LEU A 92 7.15 6.16 -25.50
CA LEU A 92 6.40 7.41 -25.42
C LEU A 92 7.34 8.60 -25.56
N GLU A 93 7.10 9.41 -26.60
CA GLU A 93 7.85 10.64 -26.81
C GLU A 93 6.90 11.80 -26.49
N ILE A 94 6.91 12.22 -25.23
CA ILE A 94 5.98 13.24 -24.75
C ILE A 94 6.45 14.61 -25.21
N THR A 95 5.51 15.39 -25.76
CA THR A 95 5.76 16.77 -26.14
C THR A 95 4.77 17.67 -25.42
N PHE A 96 5.22 18.86 -25.06
CA PHE A 96 4.38 19.86 -24.42
C PHE A 96 4.05 20.94 -25.44
N LYS A 97 2.76 21.25 -25.59
CA LYS A 97 2.35 22.35 -26.46
C LYS A 97 2.83 23.67 -25.85
N GLY A 98 3.87 24.26 -26.45
CA GLY A 98 4.57 25.38 -25.84
C GLY A 98 5.61 24.84 -24.89
N GLU A 99 6.60 25.63 -24.50
CA GLU A 99 7.67 25.13 -23.63
C GLU A 99 8.39 23.96 -24.29
N SER A 100 8.43 23.96 -25.61
CA SER A 100 9.01 22.85 -26.35
C SER A 100 10.53 22.99 -26.42
N GLY A 101 11.21 21.84 -26.48
CA GLY A 101 12.66 21.85 -26.54
C GLY A 101 13.34 22.19 -25.25
N VAL A 102 12.66 22.05 -24.11
CA VAL A 102 13.26 22.36 -22.83
C VAL A 102 14.30 21.31 -22.45
N ASP A 103 13.95 20.03 -22.60
CA ASP A 103 14.85 18.94 -22.24
C ASP A 103 14.51 17.71 -23.08
N ALA A 104 15.33 16.67 -22.92
CA ALA A 104 15.14 15.43 -23.68
C ALA A 104 14.23 14.46 -22.92
N GLY A 105 14.66 13.20 -22.80
CA GLY A 105 13.86 12.17 -22.16
C GLY A 105 13.38 12.48 -20.77
N GLY A 106 13.95 13.53 -20.15
CA GLY A 106 13.49 13.98 -18.85
C GLY A 106 12.05 14.46 -18.85
N VAL A 107 11.49 14.78 -20.02
CA VAL A 107 10.09 15.18 -20.09
C VAL A 107 9.20 13.99 -19.75
N THR A 108 9.61 12.78 -20.14
CA THR A 108 8.81 11.60 -19.85
C THR A 108 8.77 11.32 -18.35
N ARG A 109 9.90 11.53 -17.66
CA ARG A 109 9.93 11.31 -16.21
C ARG A 109 8.98 12.25 -15.49
N GLU A 110 8.99 13.53 -15.85
CA GLU A 110 8.07 14.48 -15.24
C GLU A 110 6.68 14.40 -15.84
N TRP A 111 6.54 13.83 -17.05
CA TRP A 111 5.21 13.56 -17.57
C TRP A 111 4.47 12.58 -16.67
N TYR A 112 5.18 11.60 -16.11
CA TYR A 112 4.58 10.69 -15.15
C TYR A 112 4.29 11.39 -13.82
N GLN A 113 5.18 12.32 -13.42
CA GLN A 113 5.01 12.98 -12.13
C GLN A 113 3.77 13.86 -12.12
N VAL A 114 3.62 14.74 -13.12
CA VAL A 114 2.46 15.62 -13.16
C VAL A 114 1.20 14.81 -13.42
N LEU A 115 1.30 13.72 -14.17
CA LEU A 115 0.15 12.85 -14.36
C LEU A 115 -0.24 12.15 -13.06
N SER A 116 0.74 11.88 -12.19
CA SER A 116 0.43 11.24 -10.91
C SER A 116 -0.39 12.14 -10.01
N ARG A 117 -0.08 13.44 -10.00
CA ARG A 117 -0.82 14.37 -9.16
C ARG A 117 -2.20 14.66 -9.74
N GLN A 118 -2.33 14.66 -11.06
CA GLN A 118 -3.60 14.99 -11.70
C GLN A 118 -4.65 13.91 -11.50
N MET A 119 -4.25 12.67 -11.18
CA MET A 119 -5.23 11.62 -10.93
C MET A 119 -6.13 11.96 -9.76
N PHE A 120 -5.57 12.55 -8.72
CA PHE A 120 -6.28 12.81 -7.47
C PHE A 120 -6.94 14.18 -7.45
N ASN A 121 -7.06 14.84 -8.60
CA ASN A 121 -7.80 16.08 -8.67
C ASN A 121 -9.26 15.83 -8.31
N PRO A 122 -9.78 16.44 -7.25
CA PRO A 122 -11.18 16.22 -6.88
C PRO A 122 -12.16 16.60 -7.98
N ASP A 123 -11.72 17.34 -9.01
CA ASP A 123 -12.58 17.67 -10.13
C ASP A 123 -12.99 16.43 -10.94
N TYR A 124 -12.27 15.32 -10.76
CA TYR A 124 -12.59 14.08 -11.46
C TYR A 124 -13.39 13.10 -10.62
N ALA A 125 -13.45 13.29 -9.30
CA ALA A 125 -14.16 12.41 -8.38
C ALA A 125 -13.65 10.97 -8.49
N LEU A 126 -12.37 10.82 -8.79
CA LEU A 126 -11.74 9.51 -8.93
C LEU A 126 -11.30 8.94 -7.58
N PHE A 127 -10.48 9.68 -6.84
CA PHE A 127 -9.94 9.22 -5.57
C PHE A 127 -10.32 10.17 -4.44
N LEU A 128 -10.58 9.61 -3.27
CA LEU A 128 -10.80 10.36 -2.05
C LEU A 128 -9.62 10.18 -1.10
N PRO A 129 -9.23 11.21 -0.36
CA PRO A 129 -8.07 11.09 0.53
C PRO A 129 -8.30 10.05 1.62
N VAL A 130 -7.20 9.42 2.04
CA VAL A 130 -7.24 8.41 3.09
C VAL A 130 -7.16 9.10 4.44
N PRO A 131 -7.99 8.70 5.42
CA PRO A 131 -7.99 9.43 6.70
C PRO A 131 -6.68 9.37 7.46
N SER A 132 -5.95 8.25 7.40
CA SER A 132 -4.69 8.14 8.13
C SER A 132 -3.66 9.12 7.62
N ASP A 133 -3.55 9.25 6.30
CA ASP A 133 -2.63 10.20 5.68
C ASP A 133 -3.35 10.80 4.48
N LYS A 134 -3.68 12.09 4.55
CA LYS A 134 -4.43 12.72 3.48
C LYS A 134 -3.64 12.78 2.17
N THR A 135 -2.32 12.60 2.22
CA THR A 135 -1.53 12.53 1.01
C THR A 135 -1.66 11.20 0.28
N THR A 136 -2.20 10.17 0.94
CA THR A 136 -2.51 8.91 0.30
C THR A 136 -4.00 8.85 -0.03
N PHE A 137 -4.34 8.09 -1.06
CA PHE A 137 -5.70 8.10 -1.58
C PHE A 137 -6.22 6.69 -1.79
N HIS A 138 -7.54 6.56 -1.69
CA HIS A 138 -8.27 5.34 -1.99
C HIS A 138 -9.39 5.69 -2.96
N PRO A 139 -9.88 4.71 -3.73
CA PRO A 139 -10.86 5.03 -4.77
C PRO A 139 -12.18 5.53 -4.19
N ASN A 140 -12.78 6.49 -4.89
CA ASN A 140 -14.06 7.06 -4.48
C ASN A 140 -15.18 6.12 -4.88
N ARG A 141 -15.94 5.66 -3.89
CA ARG A 141 -17.05 4.75 -4.18
C ARG A 141 -18.14 5.44 -4.99
N THR A 142 -18.26 6.77 -4.86
CA THR A 142 -19.23 7.55 -5.62
C THR A 142 -18.61 8.19 -6.84
N SER A 143 -17.69 7.49 -7.51
CA SER A 143 -17.03 8.03 -8.69
C SER A 143 -17.95 8.13 -9.90
N ALA A 144 -19.22 7.75 -9.77
CA ALA A 144 -20.18 7.86 -10.87
C ALA A 144 -20.52 9.31 -11.21
N LEU A 145 -20.10 10.27 -10.38
CA LEU A 145 -20.29 11.68 -10.73
C LEU A 145 -19.61 11.99 -12.07
N ASN A 146 -18.39 11.49 -12.26
CA ASN A 146 -17.77 11.51 -13.58
C ASN A 146 -18.26 10.27 -14.32
N PRO A 147 -19.19 10.43 -15.26
CA PRO A 147 -19.82 9.24 -15.87
C PRO A 147 -18.86 8.37 -16.65
N GLU A 148 -17.72 8.91 -17.09
CA GLU A 148 -16.71 8.16 -17.81
C GLU A 148 -15.59 7.67 -16.89
N HIS A 149 -15.88 7.49 -15.60
CA HIS A 149 -14.83 7.14 -14.65
C HIS A 149 -14.28 5.74 -14.89
N LEU A 150 -15.13 4.81 -15.35
CA LEU A 150 -14.66 3.45 -15.59
C LEU A 150 -13.55 3.42 -16.63
N SER A 151 -13.60 4.31 -17.61
CA SER A 151 -12.52 4.47 -18.57
C SER A 151 -11.32 5.21 -17.99
N PHE A 152 -11.47 5.84 -16.83
CA PHE A 152 -10.38 6.55 -16.18
C PHE A 152 -9.53 5.61 -15.31
N PHE A 153 -10.19 4.76 -14.51
CA PHE A 153 -9.45 3.78 -13.72
C PHE A 153 -8.71 2.81 -14.62
N LYS A 154 -9.33 2.41 -15.73
CA LYS A 154 -8.62 1.59 -16.72
C LYS A 154 -7.45 2.36 -17.31
N PHE A 155 -7.62 3.67 -17.50
CA PHE A 155 -6.51 4.50 -17.99
C PHE A 155 -5.45 4.67 -16.91
N ILE A 156 -5.87 4.77 -15.65
CA ILE A 156 -4.92 4.99 -14.56
C ILE A 156 -4.05 3.76 -14.36
N GLY A 157 -4.68 2.60 -14.18
CA GLY A 157 -3.91 1.37 -14.07
C GLY A 157 -3.01 1.14 -15.26
N MET A 158 -3.42 1.61 -16.43
CA MET A 158 -2.57 1.53 -17.61
C MET A 158 -1.33 2.40 -17.46
N ILE A 159 -1.48 3.56 -16.80
CA ILE A 159 -0.33 4.45 -16.59
C ILE A 159 0.56 3.90 -15.48
N ILE A 160 -0.04 3.42 -14.40
CA ILE A 160 0.75 2.84 -13.31
C ILE A 160 1.58 1.67 -13.83
N GLY A 161 0.98 0.81 -14.64
CA GLY A 161 1.71 -0.32 -15.18
C GLY A 161 2.76 0.10 -16.21
N LYS A 162 2.46 1.12 -17.00
CA LYS A 162 3.44 1.61 -17.97
C LYS A 162 4.63 2.25 -17.26
N ALA A 163 4.37 2.97 -16.18
CA ALA A 163 5.47 3.55 -15.41
C ALA A 163 6.36 2.46 -14.82
N ILE A 164 5.75 1.34 -14.41
CA ILE A 164 6.54 0.21 -13.90
C ILE A 164 7.43 -0.35 -15.00
N ARG A 165 6.89 -0.51 -16.21
CA ARG A 165 7.68 -1.03 -17.32
C ARG A 165 8.79 -0.07 -17.70
N ASP A 166 8.53 1.23 -17.66
CA ASP A 166 9.49 2.24 -18.06
C ASP A 166 10.43 2.64 -16.92
N GLN A 167 10.35 1.96 -15.77
CA GLN A 167 11.22 2.22 -14.63
C GLN A 167 11.11 3.68 -14.17
N CYS A 168 9.88 4.21 -14.15
CA CYS A 168 9.60 5.56 -13.70
C CYS A 168 8.76 5.53 -12.44
N PHE A 169 9.16 6.36 -11.46
CA PHE A 169 8.50 6.38 -10.16
C PHE A 169 7.39 7.41 -10.15
N LEU A 170 6.32 7.10 -9.42
CA LEU A 170 5.12 7.93 -9.36
C LEU A 170 4.93 8.41 -7.94
N ASP A 171 4.57 9.69 -7.77
CA ASP A 171 4.44 10.26 -6.44
C ASP A 171 3.09 9.91 -5.81
N CYS A 172 2.45 8.88 -6.34
CA CYS A 172 1.12 8.48 -5.90
C CYS A 172 1.23 7.29 -4.97
N HIS A 173 0.70 7.45 -3.75
CA HIS A 173 0.63 6.38 -2.78
C HIS A 173 -0.84 6.15 -2.43
N PHE A 174 -1.23 4.89 -2.30
CA PHE A 174 -2.60 4.52 -2.03
C PHE A 174 -2.71 3.83 -0.68
N SER A 175 -3.95 3.61 -0.26
CA SER A 175 -4.20 2.76 0.89
C SER A 175 -3.77 1.33 0.57
N ARG A 176 -3.58 0.54 1.62
CA ARG A 176 -2.96 -0.77 1.45
C ARG A 176 -3.83 -1.71 0.62
N GLU A 177 -5.15 -1.63 0.77
CA GLU A 177 -6.02 -2.56 0.06
C GLU A 177 -5.98 -2.35 -1.45
N VAL A 178 -5.53 -1.20 -1.92
CA VAL A 178 -5.38 -0.98 -3.35
C VAL A 178 -4.28 -1.90 -3.91
N TYR A 179 -3.12 -1.92 -3.25
CA TYR A 179 -2.05 -2.80 -3.68
C TYR A 179 -2.44 -4.26 -3.51
N LYS A 180 -3.20 -4.57 -2.46
CA LYS A 180 -3.65 -5.95 -2.26
C LYS A 180 -4.56 -6.41 -3.37
N ASN A 181 -5.39 -5.51 -3.92
CA ASN A 181 -6.24 -5.88 -5.04
C ASN A 181 -5.43 -6.11 -6.30
N ILE A 182 -4.37 -5.31 -6.50
CA ILE A 182 -3.51 -5.50 -7.66
C ILE A 182 -2.84 -6.86 -7.63
N LEU A 183 -2.47 -7.32 -6.44
CA LEU A 183 -1.84 -8.62 -6.27
C LEU A 183 -2.84 -9.74 -6.04
N GLY A 184 -4.13 -9.44 -5.99
CA GLY A 184 -5.11 -10.46 -5.71
C GLY A 184 -5.12 -10.95 -4.28
N ARG A 185 -4.47 -10.23 -3.38
CA ARG A 185 -4.43 -10.62 -1.99
C ARG A 185 -5.66 -10.12 -1.25
N PRO A 186 -6.14 -10.87 -0.26
CA PRO A 186 -7.35 -10.49 0.47
C PRO A 186 -7.07 -9.38 1.48
N VAL A 187 -8.13 -8.61 1.77
CA VAL A 187 -8.03 -7.53 2.74
C VAL A 187 -8.21 -8.08 4.15
N SER A 188 -7.82 -7.27 5.13
CA SER A 188 -7.89 -7.65 6.54
C SER A 188 -8.67 -6.59 7.30
N LEU A 189 -9.07 -6.94 8.53
CA LEU A 189 -9.70 -5.96 9.40
C LEU A 189 -8.73 -4.84 9.76
N LYS A 190 -7.44 -5.15 9.84
CA LYS A 190 -6.44 -4.13 10.12
C LYS A 190 -6.34 -3.10 9.01
N ASP A 191 -6.83 -3.42 7.81
CA ASP A 191 -6.91 -2.41 6.75
C ASP A 191 -7.96 -1.36 7.05
N MET A 192 -9.06 -1.76 7.72
CA MET A 192 -10.10 -0.81 8.09
C MET A 192 -9.58 0.26 9.05
N GLU A 193 -8.50 -0.03 9.79
CA GLU A 193 -7.92 0.94 10.71
C GLU A 193 -7.58 2.25 9.99
N SER A 194 -6.76 2.15 8.93
CA SER A 194 -6.32 3.34 8.23
C SER A 194 -7.44 4.04 7.46
N LEU A 195 -8.51 3.32 7.12
CA LEU A 195 -9.59 3.89 6.33
C LEU A 195 -10.75 4.41 7.17
N ASP A 196 -10.99 3.82 8.34
CA ASP A 196 -12.07 4.25 9.22
C ASP A 196 -11.80 3.72 10.63
N PRO A 197 -11.01 4.43 11.43
CA PRO A 197 -10.67 3.90 12.77
C PRO A 197 -11.87 3.78 13.69
N ASP A 198 -12.91 4.60 13.49
CA ASP A 198 -14.11 4.46 14.30
C ASP A 198 -14.82 3.14 14.02
N TYR A 199 -14.93 2.77 12.74
CA TYR A 199 -15.53 1.49 12.40
C TYR A 199 -14.62 0.34 12.84
N TYR A 200 -13.30 0.52 12.75
CA TYR A 200 -12.37 -0.50 13.23
C TYR A 200 -12.59 -0.76 14.72
N LYS A 201 -12.66 0.31 15.52
CA LYS A 201 -12.90 0.15 16.95
C LYS A 201 -14.24 -0.53 17.21
N SER A 202 -15.23 -0.30 16.33
CA SER A 202 -16.51 -0.97 16.46
C SER A 202 -16.39 -2.46 16.18
N LEU A 203 -15.84 -2.81 15.01
CA LEU A 203 -15.75 -4.21 14.62
C LEU A 203 -14.85 -5.00 15.59
N VAL A 204 -13.79 -4.37 16.09
CA VAL A 204 -12.93 -5.04 17.05
C VAL A 204 -13.70 -5.34 18.34
N TRP A 205 -14.52 -4.38 18.77
CA TRP A 205 -15.31 -4.59 19.98
C TRP A 205 -16.31 -5.73 19.78
N ILE A 206 -16.88 -5.84 18.58
CA ILE A 206 -17.81 -6.93 18.29
C ILE A 206 -17.13 -8.27 18.47
N LEU A 207 -15.90 -8.40 17.97
CA LEU A 207 -15.21 -9.68 18.07
C LEU A 207 -14.66 -9.96 19.47
N GLU A 208 -14.56 -8.93 20.32
CA GLU A 208 -13.96 -9.09 21.63
C GLU A 208 -14.97 -9.23 22.76
N ASN A 209 -16.20 -8.76 22.58
CA ASN A 209 -17.20 -8.73 23.64
C ASN A 209 -18.44 -9.52 23.25
N ASP A 210 -19.20 -9.90 24.27
CA ASP A 210 -20.45 -10.64 24.09
C ASP A 210 -21.53 -9.67 23.63
N ILE A 211 -22.00 -9.86 22.39
CA ILE A 211 -22.94 -8.94 21.78
C ILE A 211 -24.35 -9.49 21.85
N THR A 212 -24.60 -10.33 22.87
CA THR A 212 -25.86 -11.06 22.96
C THR A 212 -27.06 -10.13 22.84
N ASP A 213 -27.17 -9.16 23.73
CA ASP A 213 -28.25 -8.19 23.68
C ASP A 213 -27.76 -6.75 23.61
N ILE A 214 -26.45 -6.51 23.70
CA ILE A 214 -25.94 -5.13 23.69
C ILE A 214 -26.16 -4.50 22.33
N ILE A 215 -25.62 -5.12 21.28
CA ILE A 215 -25.81 -4.64 19.92
C ILE A 215 -26.51 -5.72 19.12
N GLU A 216 -27.17 -5.30 18.05
CA GLU A 216 -27.80 -6.23 17.12
C GLU A 216 -27.78 -5.61 15.73
N GLU A 217 -27.52 -6.45 14.73
CA GLU A 217 -27.43 -6.01 13.36
C GLU A 217 -27.95 -7.12 12.45
N THR A 218 -28.02 -6.82 11.16
CA THR A 218 -28.34 -7.80 10.14
C THR A 218 -27.21 -7.84 9.13
N PHE A 219 -27.09 -8.96 8.43
CA PHE A 219 -26.06 -9.11 7.41
C PHE A 219 -26.40 -8.28 6.18
N SER A 220 -26.61 -6.97 6.38
CA SER A 220 -26.92 -6.06 5.29
C SER A 220 -26.33 -4.69 5.62
N VAL A 221 -26.12 -3.90 4.58
CA VAL A 221 -25.54 -2.56 4.71
C VAL A 221 -26.46 -1.57 4.01
N GLU A 222 -26.79 -0.49 4.71
CA GLU A 222 -27.63 0.57 4.17
C GLU A 222 -26.74 1.71 3.70
N THR A 223 -26.87 2.09 2.42
CA THR A 223 -26.07 3.16 1.83
C THR A 223 -26.99 4.28 1.37
N ASP A 224 -27.00 5.38 2.11
CA ASP A 224 -27.77 6.57 1.75
C ASP A 224 -27.05 7.35 0.64
N ASP A 225 -26.86 6.66 -0.48
CA ASP A 225 -26.06 7.15 -1.60
C ASP A 225 -26.98 7.52 -2.76
N TYR A 226 -26.77 8.71 -3.32
CA TYR A 226 -27.56 9.21 -4.45
C TYR A 226 -29.04 9.30 -4.11
N GLY A 227 -29.32 9.85 -2.93
CA GLY A 227 -30.70 10.06 -2.50
C GLY A 227 -31.54 8.80 -2.45
N GLU A 228 -30.97 7.71 -1.95
CA GLU A 228 -31.67 6.43 -1.91
C GLU A 228 -31.20 5.65 -0.70
N HIS A 229 -32.14 5.03 0.01
CA HIS A 229 -31.83 4.20 1.16
C HIS A 229 -31.68 2.73 0.76
N LYS A 230 -30.89 2.50 -0.28
CA LYS A 230 -30.69 1.15 -0.78
C LYS A 230 -29.95 0.29 0.25
N VAL A 231 -30.47 -0.92 0.48
CA VAL A 231 -29.92 -1.85 1.45
C VAL A 231 -29.41 -3.07 0.69
N ILE A 232 -28.12 -3.34 0.79
CA ILE A 232 -27.46 -4.43 0.08
C ILE A 232 -27.23 -5.58 1.05
N ASN A 233 -27.52 -6.80 0.60
CA ASN A 233 -27.37 -7.99 1.42
C ASN A 233 -25.94 -8.51 1.31
N LEU A 234 -25.27 -8.63 2.47
CA LEU A 234 -23.94 -9.23 2.49
C LEU A 234 -24.01 -10.69 2.05
N ILE A 235 -24.80 -11.49 2.75
CA ILE A 235 -25.12 -12.85 2.34
C ILE A 235 -26.56 -12.87 1.85
N GLU A 236 -26.95 -13.98 1.23
CA GLU A 236 -28.31 -14.11 0.73
C GLU A 236 -29.30 -14.13 1.89
N GLY A 237 -30.30 -13.24 1.84
CA GLY A 237 -31.22 -13.12 2.93
C GLY A 237 -30.66 -12.43 4.15
N GLY A 238 -29.52 -11.75 4.01
CA GLY A 238 -28.89 -11.07 5.13
C GLY A 238 -29.72 -9.95 5.70
N LYS A 239 -30.68 -9.42 4.92
CA LYS A 239 -31.60 -8.42 5.44
C LYS A 239 -32.36 -8.92 6.65
N ASP A 240 -32.50 -10.24 6.79
CA ASP A 240 -33.24 -10.86 7.89
C ASP A 240 -32.37 -11.71 8.79
N ILE A 241 -31.12 -11.99 8.41
CA ILE A 241 -30.22 -12.81 9.22
C ILE A 241 -29.71 -11.94 10.36
N ILE A 242 -30.17 -12.20 11.58
CA ILE A 242 -29.74 -11.44 12.75
C ILE A 242 -28.34 -11.89 13.16
N VAL A 243 -27.50 -10.93 13.48
CA VAL A 243 -26.13 -11.22 13.91
C VAL A 243 -26.17 -11.76 15.34
N THR A 244 -25.54 -12.90 15.57
CA THR A 244 -25.48 -13.50 16.88
C THR A 244 -24.02 -13.66 17.32
N GLU A 245 -23.71 -14.76 18.01
CA GLU A 245 -22.35 -15.05 18.44
C GLU A 245 -21.63 -16.02 17.51
N ALA A 246 -22.36 -16.94 16.87
CA ALA A 246 -21.73 -17.87 15.94
C ALA A 246 -21.34 -17.16 14.65
N ASN A 247 -22.29 -16.46 14.03
CA ASN A 247 -22.04 -15.69 12.81
C ASN A 247 -21.31 -14.38 13.08
N LYS A 248 -20.83 -14.18 14.30
CA LYS A 248 -20.16 -12.93 14.64
C LYS A 248 -18.88 -12.75 13.84
N GLN A 249 -18.08 -13.80 13.70
CA GLN A 249 -16.84 -13.70 12.94
C GLN A 249 -17.12 -13.51 11.46
N ASP A 250 -18.15 -14.18 10.94
CA ASP A 250 -18.48 -14.04 9.53
C ASP A 250 -19.04 -12.66 9.21
N TYR A 251 -19.71 -12.02 10.17
CA TYR A 251 -20.27 -10.69 9.92
C TYR A 251 -19.17 -9.67 9.71
N VAL A 252 -18.18 -9.64 10.61
CA VAL A 252 -17.08 -8.69 10.48
C VAL A 252 -16.34 -8.89 9.17
N LYS A 253 -16.10 -10.15 8.78
CA LYS A 253 -15.41 -10.41 7.53
C LYS A 253 -16.25 -9.97 6.33
N LYS A 254 -17.54 -10.33 6.33
CA LYS A 254 -18.41 -9.93 5.22
C LYS A 254 -18.56 -8.41 5.16
N VAL A 255 -18.59 -7.75 6.32
CA VAL A 255 -18.71 -6.31 6.36
C VAL A 255 -17.47 -5.65 5.77
N VAL A 256 -16.29 -6.10 6.20
CA VAL A 256 -15.04 -5.51 5.72
C VAL A 256 -14.89 -5.72 4.21
N GLU A 257 -15.30 -6.89 3.71
CA GLU A 257 -15.19 -7.15 2.28
C GLU A 257 -16.02 -6.16 1.47
N TYR A 258 -17.26 -5.90 1.89
CA TYR A 258 -18.10 -4.97 1.14
C TYR A 258 -17.60 -3.55 1.31
N LYS A 259 -17.33 -3.13 2.54
CA LYS A 259 -16.89 -1.77 2.80
C LYS A 259 -15.56 -1.45 2.12
N LEU A 260 -14.77 -2.46 1.79
CA LEU A 260 -13.50 -2.22 1.11
C LEU A 260 -13.58 -2.56 -0.37
N GLN A 261 -13.72 -3.84 -0.69
CA GLN A 261 -13.56 -4.29 -2.07
C GLN A 261 -14.85 -4.24 -2.88
N THR A 262 -15.96 -4.70 -2.31
CA THR A 262 -17.19 -4.79 -3.08
C THR A 262 -17.76 -3.41 -3.42
N SER A 263 -17.62 -2.45 -2.50
CA SER A 263 -18.14 -1.11 -2.76
C SER A 263 -17.42 -0.41 -3.89
N VAL A 264 -16.24 -0.88 -4.28
CA VAL A 264 -15.49 -0.33 -5.40
C VAL A 264 -15.10 -1.47 -6.33
N LYS A 265 -16.03 -2.40 -6.56
CA LYS A 265 -15.70 -3.59 -7.34
C LYS A 265 -15.42 -3.24 -8.79
N GLU A 266 -16.26 -2.43 -9.42
CA GLU A 266 -16.11 -2.19 -10.84
C GLU A 266 -15.00 -1.19 -11.15
N GLN A 267 -14.80 -0.19 -10.29
CA GLN A 267 -13.68 0.73 -10.52
C GLN A 267 -12.34 0.02 -10.40
N MET A 268 -12.24 -0.93 -9.46
CA MET A 268 -11.02 -1.71 -9.32
C MET A 268 -10.86 -2.70 -10.48
N ASP A 269 -11.96 -3.34 -10.88
CA ASP A 269 -11.90 -4.24 -12.02
C ASP A 269 -11.42 -3.53 -13.27
N ASN A 270 -11.92 -2.31 -13.52
CA ASN A 270 -11.40 -1.52 -14.63
C ASN A 270 -9.94 -1.15 -14.41
N PHE A 271 -9.59 -0.77 -13.18
CA PHE A 271 -8.20 -0.44 -12.87
C PHE A 271 -7.28 -1.62 -13.13
N LEU A 272 -7.69 -2.82 -12.74
CA LEU A 272 -6.86 -4.00 -12.96
C LEU A 272 -6.79 -4.37 -14.43
N VAL A 273 -7.86 -4.12 -15.20
CA VAL A 273 -7.84 -4.43 -16.63
C VAL A 273 -6.78 -3.59 -17.33
N GLY A 274 -6.73 -2.29 -17.02
CA GLY A 274 -5.69 -1.45 -17.59
C GLY A 274 -4.31 -1.78 -17.07
N PHE A 275 -4.22 -2.21 -15.80
CA PHE A 275 -2.93 -2.56 -15.22
C PHE A 275 -2.43 -3.89 -15.75
N TYR A 276 -3.24 -4.94 -15.63
CA TYR A 276 -2.83 -6.27 -16.09
C TYR A 276 -2.56 -6.30 -17.58
N ALA A 277 -3.07 -5.32 -18.35
CA ALA A 277 -2.79 -5.26 -19.77
C ALA A 277 -1.35 -4.92 -20.08
N LEU A 278 -0.60 -4.40 -19.11
CA LEU A 278 0.81 -4.08 -19.27
C LEU A 278 1.72 -4.83 -18.32
N ILE A 279 1.23 -5.27 -17.17
CA ILE A 279 1.99 -6.06 -16.22
C ILE A 279 1.11 -7.25 -15.85
N SER A 280 1.46 -8.43 -16.36
CA SER A 280 0.67 -9.63 -16.08
C SER A 280 0.60 -9.89 -14.58
N LYS A 281 -0.55 -10.41 -14.14
CA LYS A 281 -0.73 -10.65 -12.71
C LYS A 281 0.25 -11.70 -12.19
N ASP A 282 0.53 -12.73 -12.99
CA ASP A 282 1.39 -13.81 -12.55
C ASP A 282 2.87 -13.45 -12.58
N LEU A 283 3.23 -12.18 -12.77
CA LEU A 283 4.58 -11.72 -12.51
C LEU A 283 4.66 -10.44 -11.68
N ILE A 284 3.54 -9.74 -11.48
CA ILE A 284 3.52 -8.66 -10.49
C ILE A 284 3.36 -9.22 -9.09
N THR A 285 2.92 -10.47 -8.95
CA THR A 285 2.72 -11.10 -7.66
C THR A 285 4.02 -11.57 -7.02
N ILE A 286 5.17 -11.18 -7.57
CA ILE A 286 6.43 -11.38 -6.87
C ILE A 286 6.46 -10.54 -5.60
N PHE A 287 5.81 -9.38 -5.63
CA PHE A 287 5.86 -8.41 -4.54
C PHE A 287 4.62 -8.52 -3.67
N ASP A 288 4.80 -8.24 -2.38
CA ASP A 288 3.67 -8.15 -1.46
C ASP A 288 3.10 -6.74 -1.49
N GLU A 289 2.01 -6.53 -0.74
CA GLU A 289 1.33 -5.24 -0.78
C GLU A 289 2.23 -4.11 -0.27
N GLN A 290 3.20 -4.43 0.59
CA GLN A 290 4.14 -3.42 1.05
C GLN A 290 5.24 -3.16 0.02
N GLU A 291 5.69 -4.22 -0.67
CA GLU A 291 6.72 -4.04 -1.67
C GLU A 291 6.18 -3.40 -2.94
N LEU A 292 4.91 -3.63 -3.26
CA LEU A 292 4.34 -3.08 -4.48
C LEU A 292 4.32 -1.56 -4.46
N GLU A 293 4.14 -0.96 -3.28
CA GLU A 293 4.22 0.49 -3.17
C GLU A 293 5.65 0.98 -3.40
N LEU A 294 6.63 0.22 -2.91
CA LEU A 294 8.03 0.58 -3.14
C LEU A 294 8.45 0.41 -4.59
N LEU A 295 7.75 -0.43 -5.35
CA LEU A 295 8.02 -0.55 -6.77
C LEU A 295 7.57 0.70 -7.52
N ILE A 296 6.33 1.12 -7.28
CA ILE A 296 5.75 2.23 -8.04
C ILE A 296 6.34 3.55 -7.57
N SER A 297 6.23 3.84 -6.27
CA SER A 297 6.69 5.13 -5.76
C SER A 297 8.20 5.17 -5.59
N GLY A 298 8.80 4.07 -5.15
CA GLY A 298 10.23 4.03 -4.95
C GLY A 298 10.59 3.88 -3.48
N LEU A 299 11.80 3.42 -3.24
CA LEU A 299 12.31 3.31 -1.88
C LEU A 299 12.63 4.69 -1.33
N PRO A 300 12.09 5.06 -0.17
CA PRO A 300 12.37 6.38 0.39
C PRO A 300 13.75 6.42 1.05
N ASP A 301 14.30 7.63 1.13
CA ASP A 301 15.53 7.91 1.85
C ASP A 301 15.15 8.62 3.15
N ILE A 302 15.00 7.86 4.23
CA ILE A 302 14.51 8.41 5.48
C ILE A 302 15.69 8.83 6.35
N ASP A 303 15.46 9.87 7.14
CA ASP A 303 16.46 10.38 8.08
C ASP A 303 16.11 9.82 9.46
N VAL A 304 16.82 8.77 9.87
CA VAL A 304 16.57 8.17 11.17
C VAL A 304 16.78 9.19 12.29
N ASP A 305 17.67 10.16 12.07
CA ASP A 305 17.89 11.20 13.08
C ASP A 305 16.66 12.09 13.23
N ASP A 306 16.18 12.66 12.12
CA ASP A 306 14.97 13.46 12.17
C ASP A 306 13.77 12.63 12.63
N TRP A 307 13.80 11.33 12.37
CA TRP A 307 12.77 10.44 12.87
C TRP A 307 12.83 10.34 14.40
N LYS A 308 14.01 10.04 14.95
CA LYS A 308 14.12 9.88 16.39
C LYS A 308 14.02 11.22 17.11
N ASN A 309 14.38 12.31 16.44
CA ASN A 309 14.25 13.63 17.07
C ASN A 309 12.80 14.08 17.15
N ASN A 310 11.93 13.53 16.30
CA ASN A 310 10.50 13.85 16.38
C ASN A 310 9.72 12.60 16.75
N THR A 311 10.19 11.92 17.80
CA THR A 311 9.59 10.68 18.29
C THR A 311 9.25 10.85 19.76
N THR A 312 7.99 10.62 20.11
CA THR A 312 7.55 10.64 21.50
C THR A 312 7.42 9.20 22.01
N TYR A 313 7.37 9.08 23.34
CA TYR A 313 7.35 7.78 24.00
C TYR A 313 6.29 7.79 25.09
N VAL A 314 5.40 6.81 25.05
CA VAL A 314 4.30 6.70 25.99
C VAL A 314 4.50 5.44 26.82
N ASN A 315 4.56 5.61 28.14
CA ASN A 315 4.85 4.54 29.09
C ASN A 315 6.25 3.97 28.90
N TYR A 316 7.03 4.55 28.00
CA TYR A 316 8.46 4.36 27.88
C TYR A 316 9.15 5.68 28.19
N THR A 317 10.47 5.68 28.07
CA THR A 317 11.25 6.89 28.22
C THR A 317 12.35 6.91 27.16
N ALA A 318 12.73 8.11 26.75
CA ALA A 318 13.97 8.24 25.99
C ALA A 318 15.13 7.73 26.84
N THR A 319 16.14 7.18 26.17
CA THR A 319 17.29 6.55 26.84
C THR A 319 16.85 5.35 27.68
N CYS A 320 15.78 4.69 27.28
CA CYS A 320 15.40 3.43 27.89
C CYS A 320 16.18 2.28 27.26
N LYS A 321 16.03 1.09 27.84
CA LYS A 321 16.68 -0.09 27.27
C LYS A 321 15.99 -0.52 25.98
N GLU A 322 14.66 -0.56 25.99
N GLU A 322 14.66 -0.55 25.99
CA GLU A 322 13.92 -0.94 24.79
CA GLU A 322 13.92 -0.94 24.79
C GLU A 322 14.08 0.11 23.70
C GLU A 322 14.04 0.11 23.69
N VAL A 323 14.04 1.39 24.06
CA VAL A 323 14.19 2.45 23.08
C VAL A 323 15.59 2.42 22.47
N SER A 324 16.60 2.08 23.28
CA SER A 324 17.95 1.92 22.74
C SER A 324 18.00 0.74 21.78
N TYR A 325 17.32 -0.36 22.11
CA TYR A 325 17.25 -1.50 21.20
C TYR A 325 16.58 -1.12 19.90
N PHE A 326 15.51 -0.31 19.97
CA PHE A 326 14.74 0.02 18.78
C PHE A 326 15.59 0.79 17.78
N TRP A 327 16.27 1.84 18.23
CA TRP A 327 17.03 2.69 17.31
C TRP A 327 18.33 2.05 16.88
N ARG A 328 18.94 1.20 17.72
CA ARG A 328 20.09 0.44 17.26
C ARG A 328 19.67 -0.60 16.24
N ALA A 329 18.41 -1.02 16.27
CA ALA A 329 17.87 -1.90 15.23
C ALA A 329 17.49 -1.12 13.98
N VAL A 330 16.86 0.04 14.16
CA VAL A 330 16.45 0.86 13.01
C VAL A 330 17.66 1.25 12.18
N ARG A 331 18.73 1.70 12.85
CA ARG A 331 19.95 2.06 12.15
C ARG A 331 20.69 0.83 11.61
N SER A 332 20.32 -0.37 12.05
CA SER A 332 20.89 -1.59 11.50
C SER A 332 20.06 -2.17 10.36
N PHE A 333 18.93 -1.55 10.04
CA PHE A 333 18.09 -1.96 8.93
C PHE A 333 18.59 -1.34 7.63
N ASP A 334 18.25 -1.99 6.52
CA ASP A 334 18.55 -1.45 5.21
C ASP A 334 17.39 -0.59 4.71
N ALA A 335 17.52 -0.05 3.50
CA ALA A 335 16.51 0.85 2.97
C ALA A 335 15.15 0.14 2.85
N GLU A 336 15.16 -1.14 2.48
CA GLU A 336 13.91 -1.88 2.35
C GLU A 336 13.23 -2.05 3.70
N GLU A 337 13.99 -2.46 4.71
CA GLU A 337 13.40 -2.73 6.01
C GLU A 337 13.01 -1.44 6.74
N ARG A 338 13.74 -0.35 6.49
CA ARG A 338 13.34 0.94 7.05
C ARG A 338 12.05 1.44 6.39
N ALA A 339 11.90 1.20 5.08
CA ALA A 339 10.69 1.61 4.39
C ALA A 339 9.48 0.82 4.89
N LYS A 340 9.65 -0.50 5.06
CA LYS A 340 8.55 -1.30 5.57
C LYS A 340 8.26 -1.02 7.04
N LEU A 341 9.23 -0.48 7.79
CA LEU A 341 8.95 -0.06 9.15
C LEU A 341 8.09 1.19 9.17
N LEU A 342 8.33 2.11 8.23
CA LEU A 342 7.42 3.22 8.02
C LEU A 342 6.03 2.72 7.67
N GLN A 343 5.94 1.88 6.63
CA GLN A 343 4.67 1.32 6.20
C GLN A 343 3.97 0.59 7.34
N PHE A 344 4.74 0.00 8.26
CA PHE A 344 4.13 -0.70 9.39
C PHE A 344 3.48 0.27 10.35
N VAL A 345 4.14 1.38 10.64
CA VAL A 345 3.64 2.33 11.64
C VAL A 345 2.75 3.37 10.99
N THR A 346 3.32 4.23 10.15
CA THR A 346 2.55 5.32 9.55
C THR A 346 1.65 4.87 8.42
N GLY A 347 1.73 3.61 8.00
CA GLY A 347 0.87 3.09 6.96
C GLY A 347 1.32 3.37 5.54
N THR A 348 2.22 4.31 5.34
CA THR A 348 2.71 4.66 4.01
C THR A 348 4.24 4.58 3.99
N SER A 349 4.79 4.68 2.77
CA SER A 349 6.22 4.75 2.58
C SER A 349 6.68 6.17 2.25
N LYS A 350 5.83 7.16 2.50
CA LYS A 350 6.09 8.54 2.12
C LYS A 350 6.43 9.35 3.36
N VAL A 351 7.63 9.91 3.40
CA VAL A 351 8.04 10.81 4.46
C VAL A 351 7.42 12.18 4.20
N PRO A 352 6.87 12.85 5.22
CA PRO A 352 6.31 14.19 4.99
C PRO A 352 7.36 15.15 4.44
N LEU A 353 6.88 16.07 3.58
CA LEU A 353 7.80 16.99 2.91
C LEU A 353 8.52 17.89 3.91
N ASN A 354 7.85 18.26 5.00
CA ASN A 354 8.46 19.12 6.01
C ASN A 354 9.27 18.35 7.04
N GLY A 355 9.22 17.02 7.01
CA GLY A 355 9.96 16.19 7.94
C GLY A 355 9.04 15.50 8.93
N PHE A 356 9.66 14.65 9.75
CA PHE A 356 8.90 13.91 10.76
C PHE A 356 8.31 14.80 11.84
N LYS A 357 8.75 16.07 11.93
CA LYS A 357 8.17 16.99 12.89
C LYS A 357 6.73 17.35 12.54
N GLU A 358 6.30 17.08 11.30
CA GLU A 358 4.92 17.30 10.87
C GLU A 358 4.30 16.01 10.36
N LEU A 359 4.70 14.87 10.91
CA LEU A 359 4.12 13.59 10.55
C LEU A 359 2.63 13.59 10.86
N SER A 360 1.82 13.42 9.83
CA SER A 360 0.38 13.58 9.96
C SER A 360 -0.30 12.27 10.36
N GLY A 361 -1.44 12.41 11.03
CA GLY A 361 -2.27 11.28 11.41
C GLY A 361 -3.73 11.51 11.05
N VAL A 362 -4.63 10.77 11.68
CA VAL A 362 -6.05 10.94 11.38
C VAL A 362 -6.57 12.27 11.91
N ASN A 363 -6.01 12.75 13.02
CA ASN A 363 -6.46 13.98 13.65
C ASN A 363 -5.59 15.18 13.31
N GLY A 364 -4.40 14.96 12.80
CA GLY A 364 -3.49 16.04 12.48
C GLY A 364 -2.04 15.58 12.66
N VAL A 365 -1.22 16.47 13.19
CA VAL A 365 0.19 16.19 13.39
C VAL A 365 0.37 15.18 14.53
N CYS A 366 0.40 13.91 14.19
CA CYS A 366 0.68 12.84 15.15
C CYS A 366 2.12 12.39 14.95
N LYS A 367 3.01 12.87 15.81
CA LYS A 367 4.40 12.44 15.75
C LYS A 367 4.53 10.97 16.11
N PHE A 368 5.65 10.38 15.69
CA PHE A 368 5.87 8.95 15.90
C PHE A 368 5.90 8.63 17.38
N SER A 369 4.98 7.78 17.82
CA SER A 369 4.85 7.39 19.22
C SER A 369 5.29 5.95 19.39
N ILE A 370 5.92 5.65 20.53
CA ILE A 370 6.33 4.29 20.87
C ILE A 370 5.69 3.97 22.21
N HIS A 371 4.58 3.24 22.17
CA HIS A 371 3.89 2.83 23.39
C HIS A 371 4.53 1.55 23.93
N ARG A 372 3.89 0.96 24.93
CA ARG A 372 4.40 -0.23 25.60
C ARG A 372 3.27 -1.26 25.68
N ASP A 373 3.60 -2.52 25.43
CA ASP A 373 2.57 -3.56 25.32
C ASP A 373 2.15 -4.14 26.66
N PHE A 374 3.05 -4.17 27.64
CA PHE A 374 2.72 -4.61 29.00
C PHE A 374 2.35 -6.08 29.10
N GLY A 375 1.70 -6.63 28.08
CA GLY A 375 1.21 -7.99 28.14
C GLY A 375 2.02 -8.99 27.33
N SER A 376 2.81 -9.82 28.02
CA SER A 376 3.54 -10.93 27.43
C SER A 376 4.60 -10.48 26.43
N SER A 377 5.88 -10.63 26.79
CA SER A 377 6.97 -10.34 25.85
C SER A 377 7.07 -11.38 24.74
N GLU A 378 6.09 -12.28 24.64
CA GLU A 378 6.03 -13.29 23.60
C GLU A 378 5.06 -12.91 22.47
N ARG A 379 4.88 -11.61 22.24
CA ARG A 379 4.01 -11.13 21.17
C ARG A 379 4.83 -10.30 20.18
N LEU A 380 4.29 -10.16 18.98
CA LEU A 380 4.96 -9.30 18.02
C LEU A 380 4.49 -7.86 18.17
N PRO A 381 5.35 -6.89 17.84
CA PRO A 381 4.94 -5.50 17.91
C PRO A 381 3.78 -5.21 16.97
N SER A 382 2.84 -4.39 17.45
CA SER A 382 1.69 -3.95 16.67
C SER A 382 1.77 -2.45 16.45
N SER A 383 0.91 -1.95 15.55
CA SER A 383 0.92 -0.54 15.22
C SER A 383 -0.49 -0.08 14.86
N HIS A 384 -0.72 1.21 15.03
CA HIS A 384 -1.97 1.86 14.62
C HIS A 384 -1.60 3.00 13.67
N THR A 385 -1.95 2.84 12.39
CA THR A 385 -1.53 3.78 11.37
C THR A 385 -2.19 5.15 11.53
N CYS A 386 -3.33 5.23 12.23
CA CYS A 386 -4.01 6.51 12.39
C CYS A 386 -3.21 7.46 13.27
N PHE A 387 -2.59 6.94 14.33
CA PHE A 387 -1.87 7.75 15.30
C PHE A 387 -0.37 7.58 15.23
N ASN A 388 0.13 6.79 14.27
CA ASN A 388 1.55 6.59 14.05
C ASN A 388 2.24 6.11 15.33
N GLN A 389 1.58 5.21 16.06
CA GLN A 389 2.12 4.66 17.29
C GLN A 389 2.51 3.20 17.09
N LEU A 390 3.57 2.80 17.80
CA LEU A 390 4.09 1.44 17.73
C LEU A 390 4.04 0.84 19.13
N ASN A 391 3.22 -0.19 19.30
CA ASN A 391 3.15 -0.92 20.55
C ASN A 391 4.33 -1.89 20.62
N LEU A 392 5.29 -1.60 21.48
CA LEU A 392 6.52 -2.37 21.57
C LEU A 392 6.61 -3.09 22.90
N PRO A 393 6.49 -4.41 22.95
CA PRO A 393 6.60 -5.13 24.22
C PRO A 393 8.01 -5.03 24.79
N PRO A 394 8.17 -5.14 26.10
CA PRO A 394 9.51 -5.06 26.70
C PRO A 394 10.33 -6.31 26.45
N TYR A 395 11.21 -6.27 25.45
CA TYR A 395 12.06 -7.41 25.13
C TYR A 395 13.36 -7.34 25.93
N GLU A 396 13.80 -8.49 26.44
CA GLU A 396 15.02 -8.52 27.23
C GLU A 396 16.26 -8.28 26.37
N SER A 397 16.42 -9.03 25.29
CA SER A 397 17.59 -8.94 24.45
C SER A 397 17.31 -8.11 23.20
N TYR A 398 18.34 -7.39 22.75
CA TYR A 398 18.21 -6.59 21.53
C TYR A 398 17.87 -7.45 20.33
N GLU A 399 18.41 -8.68 20.28
CA GLU A 399 18.17 -9.53 19.11
C GLU A 399 16.76 -10.11 19.12
N THR A 400 16.14 -10.23 20.31
CA THR A 400 14.74 -10.62 20.34
C THR A 400 13.85 -9.50 19.82
N LEU A 401 14.20 -8.25 20.11
CA LEU A 401 13.48 -7.12 19.53
C LEU A 401 13.66 -7.06 18.03
N ARG A 402 14.90 -7.25 17.55
CA ARG A 402 15.19 -7.08 16.13
C ARG A 402 14.43 -8.10 15.29
N GLY A 403 14.50 -9.37 15.68
CA GLY A 403 13.81 -10.41 14.92
C GLY A 403 12.31 -10.28 15.01
N SER A 404 11.79 -9.86 16.17
CA SER A 404 10.36 -9.68 16.31
C SER A 404 9.86 -8.46 15.54
N LEU A 405 10.70 -7.42 15.43
CA LEU A 405 10.36 -6.30 14.54
C LEU A 405 10.31 -6.76 13.10
N LEU A 406 11.41 -7.34 12.60
CA LEU A 406 11.45 -7.81 11.22
C LEU A 406 10.38 -8.84 10.93
N LEU A 407 9.92 -9.57 11.95
CA LEU A 407 8.85 -10.53 11.74
C LEU A 407 7.52 -9.84 11.51
N ALA A 408 7.29 -8.69 12.13
CA ALA A 408 6.12 -7.89 11.85
C ALA A 408 6.33 -6.91 10.71
N ILE A 409 7.59 -6.52 10.45
CA ILE A 409 7.88 -5.59 9.38
C ILE A 409 7.61 -6.22 8.02
N ASN A 410 8.08 -7.45 7.82
CA ASN A 410 7.93 -8.11 6.52
C ASN A 410 6.58 -8.80 6.40
N GLU A 411 6.18 -9.56 7.41
CA GLU A 411 4.97 -10.36 7.33
C GLU A 411 3.74 -9.52 7.69
N GLY A 412 2.58 -10.16 7.63
CA GLY A 412 1.32 -9.49 7.92
C GLY A 412 0.13 -10.15 7.24
S SO4 B . 12.94 -12.35 9.11
O1 SO4 B . 13.70 -13.43 9.82
O2 SO4 B . 13.87 -11.54 8.26
O3 SO4 B . 11.90 -12.99 8.23
O4 SO4 B . 12.27 -11.47 10.12
S SO4 C . 8.86 -18.81 -17.43
O1 SO4 C . 9.95 -19.68 -16.89
O2 SO4 C . 9.47 -17.61 -18.09
O3 SO4 C . 8.07 -19.58 -18.43
O4 SO4 C . 7.96 -18.37 -16.31
S SO4 D . 22.12 5.72 9.19
O1 SO4 D . 22.85 4.64 9.94
O2 SO4 D . 23.10 6.77 8.75
O3 SO4 D . 21.47 5.13 7.99
O4 SO4 D . 21.09 6.34 10.08
#